data_4ASC
#
_entry.id   4ASC
#
_cell.length_a   61.330
_cell.length_b   64.950
_cell.length_c   89.200
_cell.angle_alpha   90.00
_cell.angle_beta   90.00
_cell.angle_gamma   90.00
#
_symmetry.space_group_name_H-M   'P 21 21 21'
#
loop_
_entity.id
_entity.type
_entity.pdbx_description
1 polymer 'KELCH REPEAT AND BTB DOMAIN-CONTAINING PROTEIN 5'
2 non-polymer 1,2-ETHANEDIOL
3 water water
#
_entity_poly.entity_id   1
_entity_poly.type   'polypeptide(L)'
_entity_poly.pdbx_seq_one_letter_code
;MFLQDLIFMISEEGAVAYDPAANECY(CSO)ASLSSQVPKNHVSLVTKENQVFVAGGLFYNEDNKEDPMSAYFLQFDHLD
SEWLGMPPLPSPRCLFGLGEALNSIYVVGGREIKDGERCLDSVMCYDRLSFKWGESDPLPYVVYGHTVLSHMDLVYVIGG
KGSDRKCLNKMCVYDPKKFEWKELAPMQTARSLFGATVHDGRIIVAAGVTDTGLTSSAEVYSITDNKWAPFEAFPQERSS
LSLVSLVGTLYAIGGFATLETESGELVPTELNDIWRYNEEEKKWEGVLREIAYAAGATFLPVRLNVLRLTKMAENLYFQ
;
_entity_poly.pdbx_strand_id   A
#
# COMPACT_ATOMS: atom_id res chain seq x y z
N MET A 1 11.23 21.99 -18.80
CA MET A 1 10.13 21.10 -18.30
C MET A 1 10.19 20.92 -16.78
N PHE A 2 9.01 20.70 -16.21
CA PHE A 2 8.87 20.35 -14.82
C PHE A 2 8.27 18.94 -14.73
N LEU A 3 8.63 18.20 -13.70
CA LEU A 3 8.10 16.85 -13.54
C LEU A 3 6.62 17.02 -13.31
N GLN A 4 5.84 16.01 -13.71
CA GLN A 4 4.40 16.03 -13.47
C GLN A 4 4.00 14.97 -12.48
N ASP A 5 2.99 15.25 -11.65
CA ASP A 5 2.49 14.26 -10.70
C ASP A 5 1.54 13.31 -11.41
N LEU A 6 1.83 12.02 -11.31
CA LEU A 6 1.07 10.98 -12.00
C LEU A 6 0.75 9.85 -11.04
N ILE A 7 -0.26 9.10 -11.40
CA ILE A 7 -0.54 7.80 -10.75
C ILE A 7 0.39 6.78 -11.33
N PHE A 8 1.19 6.14 -10.49
CA PHE A 8 2.22 5.20 -10.91
C PHE A 8 1.77 3.79 -10.54
N MET A 9 1.59 2.95 -11.54
CA MET A 9 1.05 1.60 -11.41
C MET A 9 2.19 0.64 -11.57
N ILE A 10 2.42 -0.20 -10.56
CA ILE A 10 3.62 -1.07 -10.46
C ILE A 10 3.13 -2.53 -10.43
N SER A 11 3.68 -3.35 -11.30
CA SER A 11 3.40 -4.79 -11.21
C SER A 11 4.50 -5.56 -11.87
N GLU A 12 4.34 -6.88 -11.94
CA GLU A 12 5.27 -7.68 -12.69
C GLU A 12 5.34 -7.35 -14.19
N GLU A 13 4.31 -6.70 -14.72
CA GLU A 13 4.20 -6.37 -16.13
C GLU A 13 4.98 -5.13 -16.47
N GLY A 14 5.30 -4.29 -15.48
CA GLY A 14 6.04 -3.08 -15.75
C GLY A 14 5.49 -1.96 -14.90
N ALA A 15 5.79 -0.74 -15.29
CA ALA A 15 5.26 0.42 -14.60
C ALA A 15 4.60 1.33 -15.61
N VAL A 16 3.36 1.73 -15.33
CA VAL A 16 2.53 2.59 -16.19
C VAL A 16 2.28 3.84 -15.40
N ALA A 17 2.37 5.01 -16.03
CA ALA A 17 2.09 6.25 -15.32
C ALA A 17 0.86 6.89 -15.94
N TYR A 18 -0.10 7.30 -15.13
CA TYR A 18 -1.38 7.78 -15.65
C TYR A 18 -1.65 9.17 -15.15
N ASP A 19 -2.01 10.07 -16.08
CA ASP A 19 -2.48 11.42 -15.79
C ASP A 19 -4.00 11.40 -15.87
N PRO A 20 -4.71 11.47 -14.73
CA PRO A 20 -6.17 11.20 -14.77
C PRO A 20 -7.01 12.40 -15.19
N ALA A 21 -6.33 13.56 -15.29
CA ALA A 21 -6.90 14.82 -15.65
C ALA A 21 -6.87 14.96 -17.18
N ALA A 22 -5.74 14.63 -17.81
CA ALA A 22 -5.64 14.61 -19.28
C ALA A 22 -6.11 13.28 -19.90
N ASN A 23 -6.21 12.24 -19.08
CA ASN A 23 -6.47 10.86 -19.52
C ASN A 23 -5.36 10.43 -20.51
N GLU A 24 -4.10 10.66 -20.11
CA GLU A 24 -2.95 10.19 -20.86
C GLU A 24 -2.19 9.17 -20.02
N CYS A 25 -1.73 8.16 -20.71
CA CYS A 25 -1.12 6.99 -20.11
C CYS A 25 0.26 6.80 -20.73
N TYR A 26 1.25 6.54 -19.90
CA TYR A 26 2.63 6.43 -20.34
C TYR A 26 3.27 5.18 -19.80
N ALA A 28 6.26 3.77 -18.16
CA ALA A 28 7.41 4.20 -17.38
C ALA A 28 8.52 3.16 -17.23
N SER A 29 8.20 1.87 -17.36
CA SER A 29 9.20 0.83 -17.27
C SER A 29 8.64 -0.43 -17.89
N LEU A 30 9.49 -1.12 -18.66
CA LEU A 30 9.13 -2.42 -19.16
C LEU A 30 9.74 -3.54 -18.31
N SER A 31 10.40 -3.18 -17.21
CA SER A 31 11.06 -4.18 -16.36
C SER A 31 10.01 -5.06 -15.66
N SER A 32 10.32 -6.35 -15.54
CA SER A 32 9.50 -7.31 -14.77
C SER A 32 10.00 -7.50 -13.37
N GLN A 33 10.97 -6.68 -12.94
CA GLN A 33 11.71 -7.01 -11.71
C GLN A 33 10.84 -7.00 -10.45
N VAL A 34 9.73 -6.28 -10.43
CA VAL A 34 8.88 -6.26 -9.21
C VAL A 34 8.13 -7.59 -9.09
N PRO A 35 8.27 -8.32 -7.95
CA PRO A 35 7.49 -9.54 -7.79
C PRO A 35 6.00 -9.29 -7.73
N LYS A 36 5.21 -10.23 -8.28
CA LYS A 36 3.76 -10.06 -8.29
C LYS A 36 3.26 -9.67 -6.91
N ASN A 37 3.63 -10.45 -5.90
CA ASN A 37 3.22 -10.15 -4.52
C ASN A 37 4.21 -9.18 -3.88
N HIS A 38 3.81 -7.92 -3.71
CA HIS A 38 4.72 -6.88 -3.22
C HIS A 38 3.96 -5.74 -2.61
N VAL A 39 4.68 -4.93 -1.87
CA VAL A 39 4.18 -3.63 -1.38
C VAL A 39 5.18 -2.57 -1.81
N SER A 40 4.72 -1.33 -1.83
CA SER A 40 5.50 -0.24 -2.39
C SER A 40 5.27 1.01 -1.57
N LEU A 41 6.19 1.98 -1.70
CA LEU A 41 6.08 3.24 -1.00
C LEU A 41 6.80 4.26 -1.86
N VAL A 42 6.37 5.54 -1.80
CA VAL A 42 7.15 6.63 -2.35
C VAL A 42 7.52 7.56 -1.20
N THR A 43 8.77 8.00 -1.15
CA THR A 43 9.16 8.98 -0.10
C THR A 43 8.67 10.37 -0.44
N LYS A 44 8.83 11.30 0.48
CA LYS A 44 8.46 12.70 0.22
C LYS A 44 9.33 13.27 -0.87
N GLU A 45 10.52 12.67 -1.01
CA GLU A 45 11.50 13.08 -2.00
C GLU A 45 11.39 12.27 -3.30
N ASN A 46 10.26 11.56 -3.48
CA ASN A 46 9.90 10.93 -4.73
C ASN A 46 10.76 9.72 -5.06
N GLN A 47 11.29 9.05 -4.06
CA GLN A 47 12.01 7.80 -4.32
C GLN A 47 11.06 6.63 -4.04
N VAL A 48 11.02 5.65 -4.94
CA VAL A 48 10.02 4.55 -4.90
C VAL A 48 10.77 3.30 -4.49
N PHE A 49 10.27 2.65 -3.43
CA PHE A 49 10.81 1.40 -2.95
C PHE A 49 9.73 0.31 -3.06
N VAL A 50 10.18 -0.91 -3.30
CA VAL A 50 9.33 -2.10 -3.36
C VAL A 50 9.97 -3.21 -2.54
N ALA A 51 9.14 -3.98 -1.85
CA ALA A 51 9.60 -5.16 -1.18
C ALA A 51 8.59 -6.26 -1.40
N GLY A 52 9.06 -7.50 -1.48
CA GLY A 52 8.16 -8.63 -1.63
C GLY A 52 8.83 -9.82 -2.28
N GLY A 53 8.00 -10.77 -2.64
CA GLY A 53 8.47 -11.99 -3.27
C GLY A 53 9.29 -12.83 -2.30
N LEU A 54 10.02 -13.78 -2.87
CA LEU A 54 10.83 -14.69 -2.08
C LEU A 54 11.89 -15.28 -2.99
N PHE A 55 13.05 -15.55 -2.41
CA PHE A 55 14.16 -16.19 -3.12
C PHE A 55 15.08 -16.87 -2.09
N TYR A 56 15.88 -17.83 -2.58
CA TYR A 56 16.94 -18.43 -1.78
C TYR A 56 18.15 -17.52 -1.71
N ASN A 57 18.54 -17.16 -0.50
CA ASN A 57 19.64 -16.21 -0.29
C ASN A 57 20.96 -16.96 -0.44
N GLU A 58 22.02 -16.24 -0.76
CA GLU A 58 23.31 -16.91 -1.02
C GLU A 58 23.86 -17.62 0.23
N ASP A 59 23.49 -17.08 1.40
CA ASP A 59 24.39 -16.99 2.54
C ASP A 59 23.92 -17.50 3.89
N ASN A 60 22.72 -18.06 3.99
CA ASN A 60 22.14 -18.33 5.32
C ASN A 60 21.53 -19.72 5.44
N LYS A 61 22.23 -20.60 6.14
CA LYS A 61 21.80 -21.99 6.34
C LYS A 61 20.56 -22.07 7.26
N GLU A 62 20.56 -21.29 8.36
CA GLU A 62 19.43 -21.24 9.31
C GLU A 62 18.12 -20.72 8.66
N ASP A 63 18.17 -19.54 8.02
CA ASP A 63 17.01 -18.99 7.27
C ASP A 63 17.33 -18.85 5.76
N PRO A 64 17.01 -19.87 4.94
CA PRO A 64 17.52 -19.89 3.57
C PRO A 64 16.76 -19.00 2.58
N MET A 65 15.62 -18.42 2.99
CA MET A 65 14.82 -17.57 2.08
C MET A 65 14.82 -16.11 2.54
N SER A 66 14.90 -15.20 1.59
CA SER A 66 14.80 -13.76 1.87
C SER A 66 13.77 -13.15 0.90
N ALA A 67 13.51 -11.86 1.05
CA ALA A 67 12.55 -11.14 0.16
C ALA A 67 13.24 -10.04 -0.59
N TYR A 68 12.74 -9.72 -1.78
CA TYR A 68 13.43 -8.75 -2.60
C TYR A 68 13.17 -7.36 -2.05
N PHE A 69 14.15 -6.48 -2.21
CA PHE A 69 14.05 -5.07 -1.89
C PHE A 69 14.63 -4.35 -3.08
N LEU A 70 13.87 -3.42 -3.61
CA LEU A 70 14.21 -2.70 -4.85
C LEU A 70 13.93 -1.21 -4.74
N GLN A 71 14.64 -0.42 -5.54
CA GLN A 71 14.40 0.98 -5.62
C GLN A 71 14.32 1.39 -7.11
N PHE A 72 13.38 2.25 -7.48
CA PHE A 72 13.18 2.57 -8.89
C PHE A 72 14.30 3.53 -9.30
N ASP A 73 14.94 3.26 -10.43
CA ASP A 73 16.01 4.12 -10.97
C ASP A 73 15.33 5.04 -11.98
N HIS A 74 15.27 6.32 -11.65
CA HIS A 74 14.66 7.31 -12.54
C HIS A 74 15.48 7.52 -13.83
N LEU A 75 16.81 7.33 -13.83
CA LEU A 75 17.67 7.50 -15.04
C LEU A 75 17.40 6.45 -16.11
N ASP A 76 17.24 5.18 -15.75
CA ASP A 76 17.03 4.20 -16.81
C ASP A 76 15.77 3.35 -16.70
N SER A 77 14.85 3.73 -15.86
CA SER A 77 13.58 3.00 -15.73
C SER A 77 13.74 1.52 -15.42
N GLU A 78 14.80 1.19 -14.69
CA GLU A 78 15.02 -0.19 -14.22
C GLU A 78 14.81 -0.12 -12.72
N TRP A 79 14.71 -1.28 -12.07
CA TRP A 79 14.72 -1.36 -10.62
C TRP A 79 16.11 -1.69 -10.18
N LEU A 80 16.64 -0.93 -9.23
CA LEU A 80 17.95 -1.20 -8.63
C LEU A 80 17.81 -2.18 -7.50
N GLY A 81 18.72 -3.16 -7.51
CA GLY A 81 18.89 -4.05 -6.35
C GLY A 81 19.36 -3.31 -5.09
N MET A 82 18.93 -3.81 -3.94
CA MET A 82 19.27 -3.28 -2.63
C MET A 82 19.55 -4.50 -1.76
N PRO A 83 20.12 -4.26 -0.58
CA PRO A 83 20.27 -5.39 0.33
C PRO A 83 18.89 -5.98 0.62
N PRO A 84 18.74 -7.30 0.47
CA PRO A 84 17.43 -7.91 0.53
C PRO A 84 16.90 -7.91 1.94
N LEU A 85 15.58 -7.97 2.06
CA LEU A 85 14.90 -8.07 3.33
C LEU A 85 15.18 -9.47 3.90
N PRO A 86 15.79 -9.56 5.08
CA PRO A 86 16.22 -10.91 5.54
C PRO A 86 15.09 -11.53 6.38
N SER A 87 13.95 -11.70 5.77
CA SER A 87 12.77 -12.15 6.47
C SER A 87 11.80 -12.58 5.40
N PRO A 88 11.47 -13.88 5.34
CA PRO A 88 10.56 -14.32 4.31
C PRO A 88 9.16 -14.19 4.87
N ARG A 89 8.67 -12.98 4.85
CA ARG A 89 7.26 -12.67 5.28
C ARG A 89 6.41 -12.11 4.18
N CYS A 90 5.09 -12.16 4.39
CA CYS A 90 4.13 -11.54 3.48
C CYS A 90 3.06 -10.77 4.25
N LEU A 91 2.19 -10.07 3.50
CA LEU A 91 1.07 -9.31 4.03
C LEU A 91 1.57 -8.30 5.10
N PHE A 92 2.70 -7.66 4.81
CA PHE A 92 3.32 -6.64 5.65
C PHE A 92 3.07 -5.29 4.99
N GLY A 93 3.44 -4.21 5.66
CA GLY A 93 3.38 -2.88 5.06
C GLY A 93 4.72 -2.19 5.14
N LEU A 94 4.90 -1.23 4.26
CA LEU A 94 6.12 -0.46 4.16
C LEU A 94 5.85 0.94 4.63
N GLY A 95 6.73 1.45 5.48
CA GLY A 95 6.72 2.80 5.96
C GLY A 95 8.12 3.43 5.84
N GLU A 96 8.17 4.71 6.11
CA GLU A 96 9.42 5.41 6.18
C GLU A 96 9.33 6.57 7.13
N ALA A 97 10.45 6.81 7.78
CA ALA A 97 10.63 7.95 8.71
C ALA A 97 12.09 8.21 8.92
N LEU A 98 12.42 9.48 9.09
CA LEU A 98 13.77 9.96 9.30
C LEU A 98 14.56 9.37 8.13
N ASN A 99 15.63 8.65 8.38
CA ASN A 99 16.38 8.12 7.26
C ASN A 99 16.30 6.57 7.22
N SER A 100 15.15 6.02 7.58
CA SER A 100 14.91 4.57 7.56
C SER A 100 13.68 4.14 6.77
N ILE A 101 13.73 2.94 6.15
CA ILE A 101 12.56 2.32 5.55
C ILE A 101 12.16 1.19 6.53
N TYR A 102 10.88 1.07 6.79
CA TYR A 102 10.38 0.11 7.73
C TYR A 102 9.50 -0.97 7.07
N VAL A 103 9.69 -2.20 7.48
CA VAL A 103 8.90 -3.35 7.05
C VAL A 103 8.18 -3.79 8.32
N VAL A 104 6.86 -3.66 8.31
CA VAL A 104 6.07 -3.77 9.55
C VAL A 104 5.09 -4.93 9.58
N GLY A 105 5.23 -5.84 10.54
CA GLY A 105 4.30 -6.92 10.75
C GLY A 105 4.28 -7.90 9.60
N GLY A 106 3.13 -8.51 9.39
CA GLY A 106 2.98 -9.54 8.35
C GLY A 106 2.87 -10.93 8.94
N ARG A 107 3.05 -11.91 8.06
CA ARG A 107 3.10 -13.28 8.51
C ARG A 107 4.09 -14.10 7.73
N GLU A 108 4.53 -15.19 8.33
CA GLU A 108 5.58 -15.99 7.72
C GLU A 108 5.02 -16.69 6.49
N ILE A 109 5.86 -16.83 5.46
CA ILE A 109 5.46 -17.45 4.20
C ILE A 109 5.30 -18.97 4.36
N LYS A 110 6.17 -19.63 5.15
CA LYS A 110 6.13 -21.12 5.34
C LYS A 110 5.34 -21.63 6.57
N ASP A 111 5.94 -22.57 7.33
CA ASP A 111 5.21 -23.53 8.21
C ASP A 111 4.59 -22.96 9.50
N GLY A 112 3.26 -23.00 9.57
CA GLY A 112 2.54 -22.46 10.71
C GLY A 112 2.15 -21.01 10.47
N GLU A 113 2.80 -20.35 9.53
CA GLU A 113 2.43 -18.99 9.11
C GLU A 113 2.15 -18.04 10.30
N ARG A 114 3.05 -18.07 11.29
CA ARG A 114 3.01 -17.20 12.43
C ARG A 114 2.81 -15.77 11.93
N CYS A 115 1.85 -15.10 12.55
CA CYS A 115 1.68 -13.67 12.46
C CYS A 115 2.81 -12.96 13.22
N LEU A 116 3.13 -11.75 12.81
CA LEU A 116 4.31 -11.09 13.29
C LEU A 116 4.04 -9.71 13.93
N ASP A 117 4.76 -9.44 15.03
CA ASP A 117 4.78 -8.13 15.67
C ASP A 117 6.13 -7.44 15.38
N SER A 118 6.96 -8.10 14.63
CA SER A 118 8.31 -7.55 14.41
C SER A 118 8.34 -6.46 13.32
N VAL A 119 9.25 -5.51 13.51
CA VAL A 119 9.47 -4.41 12.58
C VAL A 119 10.94 -4.48 12.16
N MET A 120 11.19 -4.58 10.85
CA MET A 120 12.58 -4.56 10.30
C MET A 120 12.79 -3.20 9.73
N CYS A 121 14.01 -2.68 9.95
CA CYS A 121 14.32 -1.33 9.59
C CYS A 121 15.52 -1.35 8.65
N TYR A 122 15.41 -0.70 7.50
CA TYR A 122 16.56 -0.51 6.63
C TYR A 122 17.17 0.86 6.84
N ASP A 123 18.43 0.92 7.27
CA ASP A 123 19.07 2.21 7.58
C ASP A 123 19.66 2.73 6.29
N ARG A 124 19.16 3.83 5.75
CA ARG A 124 19.58 4.30 4.44
C ARG A 124 20.99 4.89 4.37
N LEU A 125 21.57 5.18 5.53
CA LEU A 125 22.97 5.69 5.60
C LEU A 125 23.99 4.53 5.66
N SER A 126 23.63 3.47 6.37
CA SER A 126 24.56 2.37 6.61
C SER A 126 24.33 1.20 5.64
N PHE A 127 23.17 1.22 5.00
CA PHE A 127 22.77 0.18 4.07
C PHE A 127 22.58 -1.18 4.72
N LYS A 128 22.16 -1.19 5.97
CA LYS A 128 21.95 -2.43 6.71
C LYS A 128 20.50 -2.52 7.17
N TRP A 129 20.04 -3.77 7.22
CA TRP A 129 18.78 -4.13 7.86
C TRP A 129 19.01 -4.56 9.28
N GLY A 130 18.02 -4.27 10.12
CA GLY A 130 17.98 -4.78 11.47
C GLY A 130 16.61 -4.60 12.10
N GLU A 131 16.48 -5.09 13.33
CA GLU A 131 15.19 -5.04 13.98
C GLU A 131 14.99 -3.72 14.75
N SER A 132 13.77 -3.18 14.64
CA SER A 132 13.37 -1.98 15.35
C SER A 132 12.39 -2.36 16.48
N ASP A 133 11.88 -1.36 17.18
CA ASP A 133 10.93 -1.62 18.29
C ASP A 133 9.68 -2.39 17.78
N PRO A 134 9.34 -3.52 18.41
CA PRO A 134 8.22 -4.26 17.93
C PRO A 134 6.90 -3.61 18.20
N LEU A 135 5.94 -3.96 17.38
CA LEU A 135 4.50 -3.54 17.50
C LEU A 135 3.92 -4.04 18.82
N PRO A 136 2.89 -3.36 19.32
CA PRO A 136 2.17 -3.77 20.52
C PRO A 136 1.35 -5.05 20.34
N TYR A 137 1.09 -5.47 19.11
CA TYR A 137 0.31 -6.66 18.82
C TYR A 137 0.78 -7.24 17.49
N VAL A 138 0.57 -8.54 17.28
CA VAL A 138 0.83 -9.14 15.95
C VAL A 138 -0.25 -8.69 14.98
N VAL A 139 0.13 -8.49 13.72
CA VAL A 139 -0.78 -7.96 12.72
C VAL A 139 -0.27 -8.29 11.30
N TYR A 140 -1.19 -8.67 10.42
CA TYR A 140 -0.93 -8.85 8.98
C TYR A 140 -2.10 -8.33 8.18
N GLY A 141 -1.87 -7.91 6.93
CA GLY A 141 -2.95 -7.43 6.05
C GLY A 141 -3.35 -5.99 6.34
N HIS A 142 -2.62 -5.38 7.26
CA HIS A 142 -2.83 -4.00 7.66
C HIS A 142 -2.30 -3.04 6.64
N THR A 143 -2.71 -1.78 6.71
CA THR A 143 -2.08 -0.73 5.92
C THR A 143 -1.11 0.10 6.78
N VAL A 144 0.03 0.49 6.21
CA VAL A 144 0.99 1.36 6.86
C VAL A 144 1.01 2.69 6.10
N LEU A 145 0.96 3.79 6.85
CA LEU A 145 1.04 5.21 6.33
C LEU A 145 2.17 5.91 7.05
N SER A 146 2.81 6.86 6.35
CA SER A 146 3.96 7.57 6.85
C SER A 146 3.63 9.04 6.68
N HIS A 147 3.64 9.80 7.79
CA HIS A 147 3.30 11.23 7.73
C HIS A 147 3.96 11.98 8.88
N MET A 148 4.73 13.01 8.54
CA MET A 148 5.41 13.89 9.51
CA MET A 148 5.40 13.89 9.52
C MET A 148 6.29 13.08 10.47
N ASP A 149 7.05 12.17 9.87
CA ASP A 149 7.99 11.29 10.54
C ASP A 149 7.38 10.45 11.67
N LEU A 150 6.08 10.16 11.53
CA LEU A 150 5.39 9.11 12.27
C LEU A 150 4.97 7.98 11.30
N VAL A 151 4.87 6.76 11.83
CA VAL A 151 4.52 5.58 11.01
C VAL A 151 3.25 4.97 11.59
N TYR A 152 2.17 5.00 10.82
CA TYR A 152 0.85 4.53 11.28
C TYR A 152 0.58 3.13 10.84
N VAL A 153 -0.06 2.35 11.68
CA VAL A 153 -0.46 0.94 11.38
C VAL A 153 -1.94 0.84 11.61
N ILE A 154 -2.68 0.45 10.58
CA ILE A 154 -4.14 0.57 10.55
C ILE A 154 -4.77 -0.76 10.14
N GLY A 155 -5.70 -1.27 10.95
CA GLY A 155 -6.47 -2.45 10.60
C GLY A 155 -5.66 -3.70 10.50
N GLY A 156 -6.07 -4.56 9.57
CA GLY A 156 -5.48 -5.87 9.41
C GLY A 156 -6.19 -6.94 10.20
N LYS A 157 -5.45 -8.04 10.41
CA LYS A 157 -5.86 -9.19 11.23
C LYS A 157 -4.82 -9.49 12.31
N GLY A 158 -5.31 -9.92 13.48
CA GLY A 158 -4.47 -10.17 14.63
C GLY A 158 -4.27 -11.62 14.89
N SER A 159 -3.91 -11.90 16.15
CA SER A 159 -3.41 -13.21 16.51
C SER A 159 -4.48 -14.27 16.38
N ASP A 160 -5.73 -13.87 16.53
CA ASP A 160 -6.89 -14.79 16.34
C ASP A 160 -7.40 -14.86 14.89
N ARG A 161 -6.67 -14.21 13.99
CA ARG A 161 -6.93 -14.17 12.56
C ARG A 161 -8.25 -13.46 12.24
N LYS A 162 -8.70 -12.64 13.18
CA LYS A 162 -9.84 -11.80 12.97
C LYS A 162 -9.42 -10.37 12.66
N CYS A 163 -10.31 -9.70 11.97
CA CYS A 163 -10.05 -8.33 11.53
C CYS A 163 -10.04 -7.35 12.70
N LEU A 164 -9.22 -6.30 12.55
CA LEU A 164 -8.90 -5.35 13.60
C LEU A 164 -9.48 -4.01 13.28
N ASN A 165 -10.00 -3.33 14.28
CA ASN A 165 -10.29 -1.91 14.12
C ASN A 165 -9.22 -0.98 14.67
N LYS A 166 -8.14 -1.57 15.19
CA LYS A 166 -7.08 -0.84 15.82
C LYS A 166 -6.21 -0.02 14.89
N MET A 167 -5.73 1.08 15.45
CA MET A 167 -4.71 1.88 14.83
C MET A 167 -3.67 2.24 15.86
N CYS A 168 -2.41 2.14 15.50
CA CYS A 168 -1.32 2.58 16.37
C CYS A 168 -0.31 3.40 15.58
N VAL A 169 0.55 4.12 16.28
CA VAL A 169 1.51 5.03 15.65
C VAL A 169 2.87 4.94 16.34
N TYR A 170 3.90 4.90 15.51
CA TYR A 170 5.29 4.86 15.96
C TYR A 170 5.99 6.19 15.73
N ASP A 171 6.61 6.67 16.83
CA ASP A 171 7.51 7.80 16.77
C ASP A 171 8.96 7.35 16.97
N PRO A 172 9.77 7.35 15.90
CA PRO A 172 11.10 6.83 16.05
C PRO A 172 12.04 7.65 16.96
N LYS A 173 11.75 8.92 17.09
CA LYS A 173 12.50 9.79 18.00
C LYS A 173 12.32 9.39 19.47
N LYS A 174 11.16 8.84 19.80
CA LYS A 174 10.84 8.45 21.18
C LYS A 174 10.88 6.95 21.36
N PHE A 175 11.17 6.20 20.30
CA PHE A 175 11.15 4.71 20.35
C PHE A 175 9.82 4.15 20.86
N GLU A 176 8.71 4.80 20.50
CA GLU A 176 7.46 4.65 21.18
C GLU A 176 6.33 4.32 20.21
N TRP A 177 5.70 3.17 20.43
CA TRP A 177 4.38 2.84 19.83
C TRP A 177 3.30 3.32 20.75
N LYS A 178 2.32 4.01 20.21
CA LYS A 178 1.15 4.45 20.94
C LYS A 178 -0.14 4.04 20.23
N GLU A 179 -1.15 3.61 20.99
CA GLU A 179 -2.50 3.31 20.44
C GLU A 179 -3.33 4.58 20.15
N LEU A 180 -3.99 4.64 19.00
CA LEU A 180 -4.80 5.78 18.61
C LEU A 180 -6.26 5.33 18.62
N ALA A 181 -7.21 6.22 18.33
CA ALA A 181 -8.62 5.86 18.28
C ALA A 181 -8.89 4.77 17.24
N PRO A 182 -9.73 3.77 17.58
CA PRO A 182 -10.01 2.73 16.60
C PRO A 182 -11.04 3.14 15.57
N MET A 183 -10.99 2.51 14.42
CA MET A 183 -12.01 2.66 13.40
C MET A 183 -13.36 2.12 13.89
N GLN A 184 -14.42 2.57 13.25
CA GLN A 184 -15.80 2.02 13.51
C GLN A 184 -15.92 0.60 13.03
N THR A 185 -15.34 0.33 11.87
CA THR A 185 -15.46 -0.95 11.18
C THR A 185 -14.10 -1.65 11.04
N ALA A 186 -13.98 -2.83 11.63
CA ALA A 186 -12.74 -3.62 11.47
C ALA A 186 -12.55 -3.97 10.01
N ARG A 187 -11.31 -3.94 9.54
CA ARG A 187 -11.05 -4.20 8.12
C ARG A 187 -9.60 -4.58 7.89
N SER A 188 -9.39 -5.42 6.89
CA SER A 188 -8.09 -5.82 6.42
C SER A 188 -8.02 -5.66 4.89
N LEU A 189 -6.82 -5.68 4.28
CA LEU A 189 -6.71 -5.59 2.85
C LEU A 189 -7.59 -4.46 2.25
N PHE A 190 -7.31 -3.24 2.68
CA PHE A 190 -8.14 -2.08 2.40
C PHE A 190 -7.30 -0.94 1.85
N GLY A 191 -7.95 0.11 1.41
CA GLY A 191 -7.25 1.24 0.86
C GLY A 191 -7.12 2.34 1.87
N ALA A 192 -5.99 3.03 1.93
CA ALA A 192 -5.82 4.09 2.92
C ALA A 192 -4.79 5.12 2.39
N THR A 193 -5.01 6.38 2.71
CA THR A 193 -4.03 7.38 2.37
C THR A 193 -4.17 8.56 3.27
N VAL A 194 -3.14 9.39 3.32
CA VAL A 194 -3.25 10.71 3.89
C VAL A 194 -3.78 11.61 2.78
N HIS A 195 -4.73 12.45 3.11
CA HIS A 195 -5.37 13.32 2.08
C HIS A 195 -5.79 14.58 2.78
N ASP A 196 -5.24 15.70 2.32
CA ASP A 196 -5.51 17.02 2.91
C ASP A 196 -5.39 16.94 4.42
N GLY A 197 -4.30 16.35 4.87
CA GLY A 197 -3.93 16.28 6.29
C GLY A 197 -4.72 15.35 7.20
N ARG A 198 -5.65 14.60 6.63
CA ARG A 198 -6.46 13.58 7.34
CA ARG A 198 -6.40 13.57 7.36
C ARG A 198 -6.11 12.19 6.79
N ILE A 199 -6.46 11.15 7.52
CA ILE A 199 -6.27 9.77 7.03
C ILE A 199 -7.65 9.28 6.59
N ILE A 200 -7.75 8.71 5.41
CA ILE A 200 -8.99 8.21 4.87
C ILE A 200 -8.72 6.73 4.57
N VAL A 201 -9.69 5.91 4.97
CA VAL A 201 -9.71 4.48 4.70
C VAL A 201 -11.00 4.10 3.94
N ALA A 202 -10.90 3.09 3.06
CA ALA A 202 -12.06 2.59 2.33
C ALA A 202 -11.96 1.09 2.01
N ALA A 203 -13.15 0.47 2.09
CA ALA A 203 -13.34 -0.88 1.65
C ALA A 203 -12.58 -1.83 2.55
N GLY A 204 -12.35 -3.04 2.06
CA GLY A 204 -11.67 -4.07 2.81
C GLY A 204 -12.40 -5.38 3.03
N VAL A 205 -11.61 -6.40 3.36
CA VAL A 205 -12.22 -7.63 3.87
CA VAL A 205 -12.14 -7.66 3.90
C VAL A 205 -12.61 -7.45 5.32
N THR A 206 -13.68 -8.16 5.72
CA THR A 206 -14.10 -8.26 7.08
C THR A 206 -14.09 -9.74 7.47
N ASP A 207 -14.48 -10.04 8.71
CA ASP A 207 -14.46 -11.43 9.16
C ASP A 207 -15.32 -12.38 8.35
N THR A 208 -16.46 -11.89 7.83
CA THR A 208 -17.33 -12.77 7.06
C THR A 208 -17.69 -12.26 5.65
N GLY A 209 -16.95 -11.27 5.14
CA GLY A 209 -17.13 -10.82 3.78
C GLY A 209 -16.23 -9.66 3.39
N LEU A 210 -16.88 -8.64 2.84
CA LEU A 210 -16.26 -7.43 2.36
C LEU A 210 -17.05 -6.25 2.89
N THR A 211 -16.42 -5.07 2.85
CA THR A 211 -17.11 -3.81 3.08
C THR A 211 -16.85 -2.78 1.97
N SER A 212 -17.83 -1.93 1.75
CA SER A 212 -17.71 -0.71 0.90
C SER A 212 -17.51 0.57 1.76
N SER A 213 -17.58 0.41 3.07
CA SER A 213 -17.54 1.54 3.99
C SER A 213 -16.21 2.28 3.95
N ALA A 214 -16.29 3.57 4.24
CA ALA A 214 -15.11 4.43 4.33
C ALA A 214 -15.19 5.24 5.60
N GLU A 215 -14.04 5.67 6.09
CA GLU A 215 -14.00 6.54 7.28
C GLU A 215 -12.83 7.50 7.15
N VAL A 216 -12.92 8.61 7.87
CA VAL A 216 -11.89 9.63 7.89
C VAL A 216 -11.45 10.02 9.31
N TYR A 217 -10.14 10.12 9.50
CA TYR A 217 -9.54 10.33 10.79
C TYR A 217 -8.85 11.68 10.80
N SER A 218 -9.15 12.49 11.82
CA SER A 218 -8.41 13.73 12.08
C SER A 218 -7.19 13.40 12.94
N ILE A 219 -6.00 13.62 12.38
CA ILE A 219 -4.76 13.45 13.16
C ILE A 219 -4.73 14.43 14.38
N THR A 220 -5.13 15.67 14.15
CA THR A 220 -5.12 16.66 15.25
C THR A 220 -6.01 16.27 16.42
N ASP A 221 -7.24 15.89 16.16
CA ASP A 221 -8.25 15.54 17.20
C ASP A 221 -8.34 14.06 17.67
N ASN A 222 -7.62 13.15 16.99
CA ASN A 222 -7.69 11.71 17.30
C ASN A 222 -9.12 11.21 17.32
N LYS A 223 -9.84 11.48 16.23
CA LYS A 223 -11.24 11.11 16.11
C LYS A 223 -11.54 10.60 14.70
N TRP A 224 -12.34 9.53 14.59
CA TRP A 224 -12.87 9.04 13.27
C TRP A 224 -14.27 9.52 12.98
N ALA A 225 -14.59 9.72 11.70
CA ALA A 225 -15.96 9.99 11.28
C ALA A 225 -16.25 9.25 9.98
N PRO A 226 -17.53 9.03 9.67
CA PRO A 226 -17.86 8.37 8.41
C PRO A 226 -17.48 9.20 7.20
N PHE A 227 -17.25 8.51 6.08
CA PHE A 227 -16.85 9.13 4.82
C PHE A 227 -17.66 8.41 3.75
N GLU A 228 -17.86 9.07 2.61
CA GLU A 228 -18.69 8.52 1.51
C GLU A 228 -18.24 7.09 1.19
N ALA A 229 -19.15 6.13 1.36
CA ALA A 229 -18.84 4.73 0.96
C ALA A 229 -18.45 4.62 -0.50
N PHE A 230 -17.51 3.74 -0.79
CA PHE A 230 -17.13 3.48 -2.15
C PHE A 230 -18.33 2.72 -2.78
N PRO A 231 -18.52 2.80 -4.10
CA PRO A 231 -19.77 2.22 -4.69
C PRO A 231 -19.87 0.69 -4.69
N GLN A 232 -18.79 -0.01 -4.32
CA GLN A 232 -18.77 -1.43 -4.39
C GLN A 232 -17.92 -2.00 -3.25
N GLU A 233 -18.36 -3.14 -2.71
CA GLU A 233 -17.52 -3.82 -1.72
C GLU A 233 -16.30 -4.35 -2.45
N ARG A 234 -15.09 -4.13 -1.89
CA ARG A 234 -13.91 -4.65 -2.51
C ARG A 234 -12.82 -5.05 -1.53
N SER A 235 -11.98 -5.96 -1.94
CA SER A 235 -10.73 -6.18 -1.21
C SER A 235 -9.58 -5.62 -2.03
N SER A 236 -8.50 -5.28 -1.32
CA SER A 236 -7.30 -4.73 -1.91
C SER A 236 -7.48 -3.50 -2.81
N LEU A 237 -8.47 -2.71 -2.51
CA LEU A 237 -8.59 -1.36 -3.08
C LEU A 237 -7.37 -0.51 -2.64
N SER A 238 -6.96 0.43 -3.51
CA SER A 238 -5.91 1.40 -3.20
CA SER A 238 -5.90 1.39 -3.20
C SER A 238 -6.47 2.80 -3.24
N LEU A 239 -6.06 3.63 -2.29
CA LEU A 239 -6.34 5.05 -2.39
C LEU A 239 -5.05 5.80 -2.65
N VAL A 240 -5.15 6.81 -3.50
CA VAL A 240 -4.03 7.64 -3.86
C VAL A 240 -4.53 9.10 -3.87
N SER A 241 -3.80 9.97 -3.17
CA SER A 241 -4.03 11.43 -3.16
C SER A 241 -3.05 12.06 -4.13
N LEU A 242 -3.55 12.72 -5.19
CA LEU A 242 -2.70 13.25 -6.24
C LEU A 242 -3.03 14.72 -6.48
N VAL A 243 -2.11 15.59 -6.07
CA VAL A 243 -2.23 17.07 -6.16
C VAL A 243 -3.63 17.54 -5.78
N GLY A 244 -4.08 17.07 -4.61
CA GLY A 244 -5.35 17.49 -4.04
C GLY A 244 -6.60 16.68 -4.36
N THR A 245 -6.50 15.69 -5.24
CA THR A 245 -7.65 14.85 -5.60
C THR A 245 -7.45 13.42 -5.10
N LEU A 246 -8.51 12.87 -4.53
CA LEU A 246 -8.46 11.50 -3.98
C LEU A 246 -8.98 10.56 -5.02
N TYR A 247 -8.20 9.52 -5.28
CA TYR A 247 -8.56 8.49 -6.20
C TYR A 247 -8.63 7.13 -5.48
N ALA A 248 -9.51 6.28 -5.98
CA ALA A 248 -9.69 4.91 -5.49
C ALA A 248 -9.45 4.00 -6.70
N ILE A 249 -8.68 2.94 -6.53
CA ILE A 249 -8.17 2.20 -7.67
C ILE A 249 -8.12 0.70 -7.42
N GLY A 250 -8.75 -0.08 -8.29
CA GLY A 250 -8.54 -1.51 -8.34
C GLY A 250 -9.12 -2.32 -7.20
N GLY A 251 -8.55 -3.51 -7.08
CA GLY A 251 -8.95 -4.46 -6.03
C GLY A 251 -9.81 -5.54 -6.61
N PHE A 252 -10.34 -6.38 -5.74
CA PHE A 252 -11.17 -7.50 -6.15
C PHE A 252 -12.60 -7.21 -5.76
N ALA A 253 -13.52 -7.49 -6.68
CA ALA A 253 -14.96 -7.30 -6.44
C ALA A 253 -15.67 -8.59 -6.92
N THR A 254 -16.98 -8.71 -6.67
CA THR A 254 -17.77 -9.87 -7.06
C THR A 254 -18.47 -9.56 -8.39
N LEU A 255 -18.25 -10.38 -9.40
CA LEU A 255 -18.99 -10.31 -10.65
C LEU A 255 -20.19 -11.24 -10.50
N GLU A 256 -21.38 -10.79 -10.85
CA GLU A 256 -22.54 -11.70 -10.96
C GLU A 256 -22.68 -12.02 -12.45
N THR A 257 -22.43 -13.27 -12.83
CA THR A 257 -22.49 -13.64 -14.24
C THR A 257 -23.95 -13.66 -14.73
N GLU A 258 -24.11 -13.78 -16.04
CA GLU A 258 -25.46 -13.82 -16.64
C GLU A 258 -26.28 -14.96 -16.06
N SER A 259 -25.65 -16.05 -15.67
CA SER A 259 -26.35 -17.21 -15.10
C SER A 259 -26.49 -17.15 -13.57
N GLY A 260 -26.05 -16.05 -12.97
CA GLY A 260 -26.25 -15.85 -11.56
C GLY A 260 -25.15 -16.35 -10.67
N GLU A 261 -24.01 -16.74 -11.23
CA GLU A 261 -22.85 -17.10 -10.43
C GLU A 261 -22.16 -15.87 -9.86
N LEU A 262 -21.65 -15.97 -8.63
CA LEU A 262 -20.99 -14.86 -7.94
C LEU A 262 -19.49 -15.19 -7.92
N VAL A 263 -18.72 -14.49 -8.75
CA VAL A 263 -17.30 -14.82 -9.01
C VAL A 263 -16.38 -13.68 -8.62
N PRO A 264 -15.32 -13.94 -7.82
CA PRO A 264 -14.41 -12.84 -7.54
C PRO A 264 -13.68 -12.41 -8.82
N THR A 265 -13.40 -11.12 -8.96
CA THR A 265 -12.76 -10.61 -10.16
CA THR A 265 -12.76 -10.59 -10.16
C THR A 265 -11.81 -9.47 -9.78
N GLU A 266 -10.65 -9.40 -10.43
CA GLU A 266 -9.63 -8.37 -10.12
C GLU A 266 -9.76 -7.23 -11.12
N LEU A 267 -9.79 -5.99 -10.62
CA LEU A 267 -9.92 -4.80 -11.45
C LEU A 267 -8.73 -3.88 -11.32
N ASN A 268 -8.46 -3.08 -12.37
CA ASN A 268 -7.48 -2.01 -12.26
C ASN A 268 -8.13 -0.73 -12.72
N ASP A 269 -9.37 -0.51 -12.23
CA ASP A 269 -10.14 0.70 -12.58
C ASP A 269 -9.77 1.84 -11.65
N ILE A 270 -10.21 3.04 -12.00
CA ILE A 270 -9.93 4.25 -11.21
C ILE A 270 -11.18 5.12 -11.15
N TRP A 271 -11.45 5.60 -9.92
CA TRP A 271 -12.51 6.50 -9.55
C TRP A 271 -11.90 7.68 -8.84
N ARG A 272 -12.58 8.82 -8.92
CA ARG A 272 -12.19 10.03 -8.19
C ARG A 272 -13.29 10.45 -7.25
N TYR A 273 -12.91 11.02 -6.12
CA TYR A 273 -13.86 11.59 -5.17
C TYR A 273 -14.12 13.04 -5.56
N ASN A 274 -15.39 13.36 -5.81
CA ASN A 274 -15.81 14.71 -6.17
C ASN A 274 -16.08 15.39 -4.86
N GLU A 275 -15.23 16.32 -4.46
CA GLU A 275 -15.27 16.90 -3.11
C GLU A 275 -16.51 17.80 -2.95
N GLU A 276 -16.85 18.49 -4.03
CA GLU A 276 -17.99 19.39 -4.05
C GLU A 276 -19.28 18.62 -3.76
N GLU A 277 -19.45 17.45 -4.37
CA GLU A 277 -20.69 16.68 -4.25
C GLU A 277 -20.63 15.54 -3.23
N LYS A 278 -19.41 15.23 -2.80
CA LYS A 278 -19.14 14.14 -1.89
C LYS A 278 -19.63 12.86 -2.50
N LYS A 279 -19.13 12.57 -3.70
CA LYS A 279 -19.53 11.35 -4.40
C LYS A 279 -18.35 10.80 -5.16
N TRP A 280 -18.32 9.49 -5.34
CA TRP A 280 -17.30 8.86 -6.17
C TRP A 280 -17.76 8.82 -7.60
N GLU A 281 -16.84 9.04 -8.53
CA GLU A 281 -17.12 9.13 -9.95
C GLU A 281 -16.10 8.31 -10.70
N GLY A 282 -16.58 7.50 -11.64
CA GLY A 282 -15.72 6.65 -12.45
C GLY A 282 -14.84 7.50 -13.33
N VAL A 283 -13.58 7.10 -13.51
CA VAL A 283 -12.63 7.77 -14.39
C VAL A 283 -12.21 6.86 -15.55
N LEU A 284 -11.72 5.66 -15.25
CA LEU A 284 -11.45 4.64 -16.28
C LEU A 284 -11.80 3.27 -15.80
N ARG A 285 -12.21 2.41 -16.74
CA ARG A 285 -12.43 1.01 -16.47
C ARG A 285 -11.15 0.22 -16.18
N GLU A 286 -10.08 0.49 -16.91
CA GLU A 286 -8.82 -0.26 -16.75
C GLU A 286 -7.65 0.61 -17.14
N ILE A 287 -6.76 0.91 -16.19
CA ILE A 287 -5.55 1.66 -16.50
C ILE A 287 -4.68 0.82 -17.44
N ALA A 288 -4.43 -0.41 -17.01
CA ALA A 288 -3.73 -1.40 -17.84
C ALA A 288 -4.01 -2.76 -17.22
N TYR A 289 -3.77 -3.82 -17.98
CA TYR A 289 -3.84 -5.19 -17.45
C TYR A 289 -2.68 -5.49 -16.51
N ALA A 290 -2.99 -5.97 -15.30
CA ALA A 290 -2.01 -6.44 -14.34
C ALA A 290 -2.73 -7.33 -13.34
N ALA A 291 -1.95 -8.12 -12.61
CA ALA A 291 -2.40 -8.86 -11.46
C ALA A 291 -1.55 -8.37 -10.31
N GLY A 292 -2.16 -8.08 -9.17
CA GLY A 292 -1.44 -7.73 -7.95
C GLY A 292 -0.74 -6.34 -7.97
N ALA A 293 -1.27 -5.40 -8.76
CA ALA A 293 -0.63 -4.09 -8.90
C ALA A 293 -0.73 -3.27 -7.63
N THR A 294 0.26 -2.41 -7.43
CA THR A 294 0.12 -1.36 -6.42
C THR A 294 0.22 0.01 -7.11
N PHE A 295 -0.13 1.04 -6.39
CA PHE A 295 -0.32 2.36 -7.00
C PHE A 295 0.21 3.42 -6.09
N LEU A 296 0.91 4.38 -6.64
CA LEU A 296 1.50 5.49 -5.87
C LEU A 296 1.46 6.82 -6.63
N PRO A 297 1.53 7.96 -5.91
CA PRO A 297 1.71 9.23 -6.61
C PRO A 297 3.18 9.52 -6.81
N VAL A 298 3.60 9.68 -8.06
CA VAL A 298 5.00 9.81 -8.37
C VAL A 298 5.19 10.89 -9.42
N ARG A 299 6.23 11.71 -9.24
CA ARG A 299 6.53 12.79 -10.19
C ARG A 299 7.51 12.28 -11.21
N LEU A 300 7.21 12.47 -12.51
CA LEU A 300 8.05 11.96 -13.56
C LEU A 300 8.09 12.95 -14.69
N ASN A 301 9.17 12.86 -15.48
CA ASN A 301 9.29 13.70 -16.68
C ASN A 301 8.56 12.98 -17.83
N VAL A 302 7.37 13.47 -18.19
CA VAL A 302 6.53 12.82 -19.23
C VAL A 302 7.24 12.71 -20.61
N LEU A 303 8.14 13.65 -20.93
CA LEU A 303 8.84 13.64 -22.22
C LEU A 303 9.88 12.55 -22.32
N ARG A 304 10.22 11.91 -21.21
CA ARG A 304 11.10 10.77 -21.24
C ARG A 304 10.34 9.47 -21.37
N LEU A 305 9.02 9.52 -21.22
CA LEU A 305 8.22 8.28 -21.21
C LEU A 305 7.67 8.02 -22.62
N THR A 306 7.30 6.77 -22.90
CA THR A 306 6.62 6.38 -24.11
C THR A 306 5.12 6.48 -23.90
N LYS A 307 4.47 7.33 -24.70
CA LYS A 307 3.03 7.51 -24.60
C LYS A 307 2.38 6.20 -25.05
N MET A 308 1.32 5.78 -24.36
CA MET A 308 0.68 4.48 -24.67
C MET A 308 -0.60 4.57 -25.50
#